data_6PH2
#
_entry.id   6PH2
#
_cell.length_a   66.270
_cell.length_b   95.860
_cell.length_c   107.590
_cell.angle_alpha   90.00
_cell.angle_beta   90.00
_cell.angle_gamma   90.00
#
_symmetry.space_group_name_H-M   'P 21 21 21'
#
loop_
_entity.id
_entity.type
_entity.pdbx_description
1 polymer 'Blue-light-activated histidine kinase'
2 non-polymer 'FLAVIN MONONUCLEOTIDE'
3 water water
#
_entity_poly.entity_id   1
_entity_poly.type   'polypeptide(L)'
_entity_poly.pdbx_seq_one_letter_code
;MALSQATDPFRAAVEFTLMPMLITNPHLPDNPIVFANPAFLKLTGYEADEVMGRNSRFLQGHGTDPAHVRAIKSAIAAEK
PIDIDIINYKKSGEAFWNRLHISPVHNANGRLQHFVSSQLDVTLELSRLVELEKERKTLSIEHHHHHH
;
_entity_poly.pdbx_strand_id   A,B,C,D
#
# COMPACT_ATOMS: atom_id res chain seq x y z
N SER A 4 1.77 17.16 -36.80
CA SER A 4 2.32 16.18 -35.81
C SER A 4 2.48 16.84 -34.44
N GLN A 5 1.95 16.17 -33.42
CA GLN A 5 1.77 16.77 -32.09
C GLN A 5 3.14 16.92 -31.41
N ALA A 6 3.23 17.87 -30.47
CA ALA A 6 4.30 17.92 -29.47
C ALA A 6 4.45 16.56 -28.80
N THR A 7 5.70 16.08 -28.64
CA THR A 7 5.99 14.75 -28.07
C THR A 7 5.93 14.79 -26.54
N ASP A 8 5.36 13.72 -25.98
CA ASP A 8 5.13 13.61 -24.52
C ASP A 8 6.50 13.40 -23.87
N PRO A 9 6.90 14.33 -22.97
CA PRO A 9 8.21 14.24 -22.38
C PRO A 9 8.33 12.98 -21.50
N PHE A 10 7.26 12.60 -20.80
CA PHE A 10 7.30 11.44 -19.91
C PHE A 10 7.44 10.14 -20.71
N ARG A 11 6.77 10.05 -21.87
CA ARG A 11 6.95 8.87 -22.71
C ARG A 11 8.43 8.77 -23.11
N ALA A 12 9.03 9.90 -23.48
CA ALA A 12 10.44 9.92 -23.93
C ALA A 12 11.37 9.59 -22.76
N ALA A 13 11.02 10.03 -21.56
CA ALA A 13 11.78 9.66 -20.38
C ALA A 13 11.91 8.13 -20.28
N VAL A 14 10.79 7.43 -20.46
CA VAL A 14 10.80 5.99 -20.30
C VAL A 14 11.42 5.34 -21.54
N GLU A 15 11.22 5.88 -22.73
CA GLU A 15 11.83 5.27 -23.92
C GLU A 15 13.35 5.36 -23.86
N PHE A 16 13.91 6.40 -23.22
CA PHE A 16 15.35 6.73 -23.35
C PHE A 16 16.16 6.28 -22.12
N THR A 17 15.54 6.13 -20.97
CA THR A 17 16.24 5.64 -19.76
C THR A 17 16.93 4.29 -20.03
N LEU A 18 17.99 4.03 -19.29
CA LEU A 18 18.75 2.79 -19.34
C LEU A 18 18.15 1.76 -18.38
N MET A 19 17.19 2.17 -17.54
CA MET A 19 16.46 1.28 -16.64
C MET A 19 15.35 0.55 -17.40
N PRO A 20 15.38 -0.80 -17.46
CA PRO A 20 14.30 -1.55 -18.14
C PRO A 20 12.92 -1.30 -17.51
N MET A 21 11.89 -1.11 -18.34
CA MET A 21 10.55 -0.83 -17.84
C MET A 21 9.48 -1.49 -18.70
N LEU A 22 8.40 -1.97 -18.05
CA LEU A 22 7.21 -2.51 -18.75
C LEU A 22 5.94 -1.81 -18.29
N ILE A 23 5.00 -1.67 -19.21
CA ILE A 23 3.63 -1.29 -18.83
C ILE A 23 2.70 -2.41 -19.29
N THR A 24 1.78 -2.81 -18.40
CA THR A 24 0.78 -3.84 -18.73
C THR A 24 -0.63 -3.27 -18.55
N ASN A 25 -1.58 -3.96 -19.14
CA ASN A 25 -2.96 -3.53 -19.18
C ASN A 25 -3.84 -4.62 -18.57
N PRO A 26 -4.22 -4.47 -17.30
CA PRO A 26 -4.98 -5.49 -16.61
C PRO A 26 -6.46 -5.54 -17.02
N HIS A 27 -6.90 -4.71 -17.95
CA HIS A 27 -8.24 -4.75 -18.49
C HIS A 27 -8.27 -5.50 -19.81
N LEU A 28 -7.15 -6.04 -20.25
CA LEU A 28 -7.16 -7.03 -21.28
C LEU A 28 -6.92 -8.39 -20.62
N PRO A 29 -7.34 -9.47 -21.26
CA PRO A 29 -7.18 -10.79 -20.70
C PRO A 29 -5.70 -11.14 -20.48
N ASP A 30 -5.42 -11.54 -19.24
CA ASP A 30 -4.12 -12.03 -18.80
C ASP A 30 -3.11 -10.88 -18.68
N ASN A 31 -3.56 -9.63 -18.57
CA ASN A 31 -2.69 -8.53 -18.08
C ASN A 31 -1.42 -8.41 -18.93
N PRO A 32 -1.58 -8.25 -20.24
CA PRO A 32 -0.46 -8.25 -21.15
C PRO A 32 0.38 -6.97 -21.20
N ILE A 33 1.65 -7.14 -21.55
CA ILE A 33 2.57 -6.05 -21.82
C ILE A 33 2.02 -5.26 -23.01
N VAL A 34 1.84 -3.96 -22.82
CA VAL A 34 1.43 -3.05 -23.87
C VAL A 34 2.55 -2.05 -24.15
N PHE A 35 3.59 -2.03 -23.33
CA PHE A 35 4.78 -1.25 -23.67
C PHE A 35 6.02 -1.88 -23.02
N ALA A 36 7.07 -2.00 -23.81
CA ALA A 36 8.40 -2.36 -23.31
C ALA A 36 9.44 -1.39 -23.88
N ASN A 37 10.28 -0.83 -23.01
CA ASN A 37 11.26 0.19 -23.46
C ASN A 37 12.47 -0.54 -24.05
N PRO A 38 13.29 0.18 -24.81
CA PRO A 38 14.45 -0.47 -25.40
C PRO A 38 15.41 -1.07 -24.36
N ALA A 39 15.42 -0.53 -23.14
CA ALA A 39 16.32 -1.04 -22.09
C ALA A 39 15.91 -2.47 -21.72
N PHE A 40 14.61 -2.71 -21.71
CA PHE A 40 14.09 -4.02 -21.39
C PHE A 40 14.45 -5.00 -22.51
N LEU A 41 14.35 -4.54 -23.76
CA LEU A 41 14.68 -5.41 -24.90
C LEU A 41 16.19 -5.69 -24.96
N LYS A 42 17.02 -4.78 -24.48
CA LYS A 42 18.44 -5.05 -24.45
C LYS A 42 18.73 -6.06 -23.34
N LEU A 43 18.11 -5.87 -22.19
CA LEU A 43 18.33 -6.73 -21.03
C LEU A 43 17.99 -8.19 -21.37
N THR A 44 16.83 -8.39 -21.98
CA THR A 44 16.26 -9.73 -22.15
C THR A 44 16.61 -10.34 -23.51
N GLY A 45 16.95 -9.53 -24.50
CA GLY A 45 17.35 -10.04 -25.83
C GLY A 45 16.18 -10.18 -26.80
N TYR A 46 14.95 -9.89 -26.36
CA TYR A 46 13.79 -10.07 -27.21
C TYR A 46 13.54 -8.82 -28.07
N GLU A 47 12.88 -9.00 -29.21
CA GLU A 47 12.41 -7.88 -30.05
C GLU A 47 11.04 -7.44 -29.51
N ALA A 48 10.64 -6.21 -29.81
CA ALA A 48 9.38 -5.67 -29.25
C ALA A 48 8.18 -6.56 -29.60
N ASP A 49 8.13 -7.07 -30.83
CA ASP A 49 6.99 -7.87 -31.27
C ASP A 49 6.98 -9.25 -30.60
N GLU A 50 8.07 -9.67 -29.98
CA GLU A 50 8.09 -10.96 -29.27
C GLU A 50 7.55 -10.81 -27.83
N VAL A 51 7.43 -9.59 -27.29
CA VAL A 51 6.98 -9.41 -25.88
C VAL A 51 5.64 -8.67 -25.83
N MET A 52 5.30 -7.88 -26.83
CA MET A 52 4.05 -7.10 -26.83
C MET A 52 2.86 -8.08 -26.88
N GLY A 53 1.86 -7.84 -26.04
CA GLY A 53 0.64 -8.62 -26.05
C GLY A 53 0.72 -9.91 -25.23
N ARG A 54 1.84 -10.15 -24.56
CA ARG A 54 2.05 -11.37 -23.75
C ARG A 54 2.10 -10.99 -22.28
N ASN A 55 1.75 -11.92 -21.40
CA ASN A 55 1.95 -11.73 -19.96
C ASN A 55 3.44 -11.88 -19.65
N SER A 56 3.95 -11.14 -18.66
CA SER A 56 5.41 -11.06 -18.39
C SER A 56 5.97 -12.39 -17.88
N ARG A 57 5.08 -13.30 -17.50
CA ARG A 57 5.36 -14.70 -17.12
C ARG A 57 6.41 -15.38 -18.00
N PHE A 58 6.44 -15.05 -19.29
CA PHE A 58 7.30 -15.76 -20.26
C PHE A 58 8.78 -15.65 -19.86
N LEU A 59 9.13 -14.75 -18.94
CA LEU A 59 10.51 -14.62 -18.49
C LEU A 59 10.88 -15.71 -17.46
N GLN A 60 9.90 -16.47 -16.99
CA GLN A 60 10.15 -17.43 -15.92
C GLN A 60 10.57 -18.75 -16.56
N GLY A 61 11.18 -19.64 -15.78
CA GLY A 61 11.69 -20.91 -16.32
C GLY A 61 11.99 -21.89 -15.21
N HIS A 62 12.75 -22.92 -15.55
CA HIS A 62 12.92 -24.07 -14.65
C HIS A 62 13.51 -23.65 -13.30
N GLY A 63 14.37 -22.61 -13.27
CA GLY A 63 15.04 -22.17 -12.04
C GLY A 63 14.16 -21.32 -11.12
N THR A 64 13.00 -20.89 -11.62
CA THR A 64 12.21 -19.87 -10.93
C THR A 64 11.53 -20.50 -9.70
N ASP A 65 11.70 -19.88 -8.56
CA ASP A 65 11.09 -20.33 -7.34
C ASP A 65 9.58 -20.05 -7.41
N PRO A 66 8.72 -21.08 -7.40
CA PRO A 66 7.26 -20.88 -7.35
C PRO A 66 6.78 -20.02 -6.18
N ALA A 67 7.54 -19.92 -5.09
CA ALA A 67 7.14 -19.07 -3.96
C ALA A 67 7.19 -17.58 -4.37
N HIS A 68 8.18 -17.24 -5.19
CA HIS A 68 8.29 -15.87 -5.72
C HIS A 68 7.08 -15.54 -6.60
N VAL A 69 6.77 -16.45 -7.52
CA VAL A 69 5.66 -16.28 -8.46
C VAL A 69 4.34 -16.16 -7.71
N ARG A 70 4.16 -16.90 -6.60
CA ARG A 70 2.90 -16.84 -5.85
C ARG A 70 2.73 -15.44 -5.22
N ALA A 71 3.82 -14.90 -4.71
CA ALA A 71 3.80 -13.60 -4.02
C ALA A 71 3.45 -12.47 -4.99
N ILE A 72 3.98 -12.55 -6.21
CA ILE A 72 3.69 -11.56 -7.23
C ILE A 72 2.20 -11.67 -7.60
N LYS A 73 1.73 -12.89 -7.78
CA LYS A 73 0.37 -13.14 -8.20
C LYS A 73 -0.59 -12.55 -7.17
N SER A 74 -0.21 -12.66 -5.90
CA SER A 74 -1.11 -12.28 -4.84
C SER A 74 -1.12 -10.74 -4.70
N ALA A 75 0.05 -10.13 -4.85
CA ALA A 75 0.13 -8.65 -4.87
C ALA A 75 -0.66 -8.07 -6.06
N ILE A 76 -0.56 -8.67 -7.24
CA ILE A 76 -1.27 -8.14 -8.39
C ILE A 76 -2.78 -8.25 -8.17
N ALA A 77 -3.24 -9.40 -7.68
CA ALA A 77 -4.67 -9.61 -7.45
C ALA A 77 -5.19 -8.58 -6.42
N ALA A 78 -4.36 -8.22 -5.44
CA ALA A 78 -4.76 -7.25 -4.40
C ALA A 78 -4.50 -5.81 -4.88
N GLU A 79 -4.05 -5.63 -6.13
CA GLU A 79 -3.78 -4.30 -6.69
C GLU A 79 -2.79 -3.54 -5.80
N LYS A 80 -1.72 -4.20 -5.36
CA LYS A 80 -0.73 -3.62 -4.48
C LYS A 80 0.66 -3.69 -5.14
N PRO A 81 1.59 -2.80 -4.74
CA PRO A 81 2.95 -2.82 -5.29
C PRO A 81 3.76 -4.02 -4.78
N ILE A 82 4.85 -4.38 -5.46
CA ILE A 82 5.75 -5.38 -4.90
C ILE A 82 7.16 -5.15 -5.42
N ASP A 83 8.12 -5.36 -4.51
CA ASP A 83 9.54 -5.40 -4.80
C ASP A 83 10.07 -6.81 -4.51
N ILE A 84 10.70 -7.46 -5.47
CA ILE A 84 11.09 -8.84 -5.27
C ILE A 84 12.18 -9.22 -6.28
N ASP A 85 13.10 -10.06 -5.82
CA ASP A 85 14.12 -10.62 -6.68
C ASP A 85 13.64 -12.01 -7.13
N ILE A 86 13.81 -12.31 -8.42
CA ILE A 86 13.25 -13.53 -8.96
C ILE A 86 14.13 -14.02 -10.11
N ILE A 87 14.21 -15.33 -10.30
CA ILE A 87 15.05 -15.83 -11.39
C ILE A 87 14.26 -15.73 -12.70
N ASN A 88 14.87 -15.14 -13.70
CA ASN A 88 14.26 -14.99 -14.99
C ASN A 88 15.27 -15.42 -16.07
N TYR A 89 14.86 -15.40 -17.33
CA TYR A 89 15.63 -16.00 -18.39
C TYR A 89 15.67 -15.04 -19.59
N LYS A 90 16.86 -14.83 -20.10
CA LYS A 90 17.00 -14.10 -21.35
C LYS A 90 16.58 -15.03 -22.49
N LYS A 91 16.35 -14.46 -23.66
CA LYS A 91 16.04 -15.22 -24.87
C LYS A 91 17.18 -16.20 -25.18
N SER A 92 18.43 -15.77 -24.98
CA SER A 92 19.62 -16.62 -25.12
C SER A 92 19.49 -17.93 -24.31
N GLY A 93 18.80 -17.89 -23.18
CA GLY A 93 18.68 -19.04 -22.28
C GLY A 93 19.38 -18.80 -20.95
N GLU A 94 20.14 -17.71 -20.86
CA GLU A 94 20.88 -17.39 -19.64
C GLU A 94 19.93 -16.99 -18.51
N ALA A 95 20.07 -17.62 -17.36
CA ALA A 95 19.30 -17.27 -16.19
C ALA A 95 19.93 -16.03 -15.53
N PHE A 96 19.10 -15.20 -14.90
CA PHE A 96 19.61 -14.01 -14.18
C PHE A 96 18.65 -13.64 -13.06
N TRP A 97 19.16 -12.95 -12.05
CA TRP A 97 18.32 -12.46 -10.97
C TRP A 97 17.71 -11.12 -11.41
N ASN A 98 16.40 -11.05 -11.37
CA ASN A 98 15.67 -9.86 -11.77
C ASN A 98 15.12 -9.14 -10.53
N ARG A 99 15.68 -7.97 -10.22
CA ARG A 99 15.11 -7.12 -9.19
C ARG A 99 13.93 -6.37 -9.80
N LEU A 100 12.75 -6.84 -9.41
CA LEU A 100 11.51 -6.49 -10.03
C LEU A 100 10.72 -5.57 -9.12
N HIS A 101 10.30 -4.43 -9.67
CA HIS A 101 9.55 -3.43 -8.92
C HIS A 101 8.27 -3.13 -9.69
N ILE A 102 7.12 -3.45 -9.12
CA ILE A 102 5.84 -3.35 -9.80
C ILE A 102 4.97 -2.37 -9.00
N SER A 103 4.31 -1.48 -9.70
CA SER A 103 3.38 -0.56 -9.08
C SER A 103 2.08 -0.58 -9.89
N PRO A 104 0.94 -0.63 -9.20
CA PRO A 104 -0.36 -0.35 -9.83
C PRO A 104 -0.57 1.14 -10.12
N VAL A 105 -1.36 1.45 -11.14
CA VAL A 105 -1.62 2.83 -11.51
C VAL A 105 -3.13 3.06 -11.41
N HIS A 106 -3.54 3.95 -10.51
CA HIS A 106 -4.95 4.20 -10.26
C HIS A 106 -5.44 5.41 -11.09
N ASN A 107 -6.71 5.33 -11.46
CA ASN A 107 -7.48 6.45 -12.00
C ASN A 107 -7.57 7.56 -10.96
N ALA A 108 -8.14 8.69 -11.34
CA ALA A 108 -8.51 9.74 -10.37
C ALA A 108 -9.57 9.19 -9.40
N ASN A 109 -10.43 8.29 -9.90
CA ASN A 109 -11.54 7.75 -9.13
C ASN A 109 -11.08 6.56 -8.27
N GLY A 110 -9.82 6.13 -8.39
CA GLY A 110 -9.32 4.99 -7.60
C GLY A 110 -9.53 3.65 -8.32
N ARG A 111 -9.89 3.67 -9.60
CA ARG A 111 -10.02 2.43 -10.40
C ARG A 111 -8.64 2.05 -11.00
N LEU A 112 -8.21 0.80 -10.84
CA LEU A 112 -6.98 0.29 -11.47
C LEU A 112 -7.00 0.51 -12.99
N GLN A 113 -5.90 0.99 -13.55
CA GLN A 113 -5.81 1.38 -14.95
C GLN A 113 -4.70 0.60 -15.66
N HIS A 114 -3.50 0.65 -15.08
CA HIS A 114 -2.32 -0.03 -15.61
C HIS A 114 -1.47 -0.59 -14.47
N PHE A 115 -0.49 -1.43 -14.83
CA PHE A 115 0.65 -1.69 -13.97
C PHE A 115 1.93 -1.19 -14.68
N VAL A 116 2.89 -0.77 -13.89
CA VAL A 116 4.18 -0.34 -14.39
C VAL A 116 5.25 -1.08 -13.60
N SER A 117 6.37 -1.37 -14.25
CA SER A 117 7.44 -2.05 -13.62
C SER A 117 8.80 -1.49 -14.03
N SER A 118 9.76 -1.70 -13.13
CA SER A 118 11.21 -1.68 -13.39
C SER A 118 11.76 -3.10 -13.27
N GLN A 119 12.81 -3.35 -14.03
CA GLN A 119 13.52 -4.61 -13.99
C GLN A 119 15.01 -4.33 -14.02
N LEU A 120 15.80 -5.07 -13.27
CA LEU A 120 17.22 -4.85 -13.23
C LEU A 120 17.96 -6.18 -13.03
N ASP A 121 18.92 -6.51 -13.89
CA ASP A 121 19.82 -7.64 -13.65
C ASP A 121 20.68 -7.36 -12.41
N VAL A 122 20.43 -8.07 -11.30
CA VAL A 122 21.25 -7.90 -10.09
C VAL A 122 22.00 -9.20 -9.78
N THR A 123 22.44 -9.92 -10.83
CA THR A 123 23.03 -11.24 -10.65
C THR A 123 24.31 -11.14 -9.80
N LEU A 124 25.14 -10.12 -10.09
CA LEU A 124 26.46 -9.97 -9.48
C LEU A 124 26.31 -9.48 -8.04
N GLU A 125 25.50 -8.46 -7.81
CA GLU A 125 25.21 -8.01 -6.45
C GLU A 125 24.81 -9.21 -5.58
N LEU A 126 23.78 -9.96 -5.97
CA LEU A 126 23.26 -11.04 -5.11
C LEU A 126 24.27 -12.19 -4.98
N SER A 127 25.10 -12.39 -6.00
CA SER A 127 26.20 -13.33 -5.92
C SER A 127 27.34 -12.75 -5.05
N ARG A 128 27.26 -12.86 -3.72
CA ARG A 128 28.41 -12.48 -2.83
C ARG A 128 28.55 -13.50 -1.70
N ALA B 6 -8.47 9.26 -16.51
CA ALA B 6 -7.48 8.96 -17.61
C ALA B 6 -6.07 9.43 -17.19
N THR B 7 -5.40 8.65 -16.35
CA THR B 7 -4.01 8.96 -15.91
C THR B 7 -3.01 8.46 -16.96
N ASP B 8 -1.97 9.25 -17.22
CA ASP B 8 -0.92 8.88 -18.17
C ASP B 8 -0.05 7.79 -17.52
N PRO B 9 0.00 6.58 -18.14
CA PRO B 9 0.77 5.50 -17.55
C PRO B 9 2.27 5.83 -17.54
N PHE B 10 2.78 6.51 -18.58
CA PHE B 10 4.20 6.85 -18.64
C PHE B 10 4.57 7.87 -17.55
N ARG B 11 3.70 8.82 -17.27
CA ARG B 11 3.97 9.75 -16.17
C ARG B 11 4.09 8.94 -14.87
N ALA B 12 3.20 7.98 -14.66
CA ALA B 12 3.21 7.18 -13.43
C ALA B 12 4.46 6.29 -13.38
N ALA B 13 4.93 5.82 -14.53
CA ALA B 13 6.18 5.08 -14.59
C ALA B 13 7.32 5.90 -13.97
N VAL B 14 7.39 7.16 -14.37
CA VAL B 14 8.43 8.08 -13.91
C VAL B 14 8.22 8.46 -12.44
N GLU B 15 6.97 8.68 -12.05
CA GLU B 15 6.69 9.10 -10.68
C GLU B 15 7.04 7.96 -9.70
N PHE B 16 6.92 6.70 -10.12
CA PHE B 16 6.96 5.55 -9.18
C PHE B 16 8.32 4.84 -9.21
N THR B 17 9.09 4.95 -10.29
CA THR B 17 10.43 4.34 -10.34
C THR B 17 11.30 4.83 -9.18
N LEU B 18 12.26 4.00 -8.80
CA LEU B 18 13.23 4.30 -7.73
C LEU B 18 14.46 5.00 -8.32
N MET B 19 14.55 5.05 -9.66
CA MET B 19 15.63 5.72 -10.39
C MET B 19 15.32 7.22 -10.46
N PRO B 20 16.19 8.08 -9.90
CA PRO B 20 16.01 9.55 -10.02
C PRO B 20 15.97 10.01 -11.48
N MET B 21 15.07 10.93 -11.80
CA MET B 21 14.88 11.40 -13.17
C MET B 21 14.52 12.90 -13.19
N LEU B 22 15.06 13.63 -14.19
CA LEU B 22 14.72 15.06 -14.39
C LEU B 22 14.23 15.29 -15.83
N ILE B 23 13.32 16.24 -15.98
CA ILE B 23 12.99 16.76 -17.29
C ILE B 23 13.28 18.26 -17.28
N THR B 24 13.95 18.76 -18.32
CA THR B 24 14.26 20.19 -18.46
C THR B 24 13.64 20.72 -19.76
N ASN B 25 13.49 22.04 -19.82
CA ASN B 25 12.84 22.71 -20.93
C ASN B 25 13.80 23.73 -21.53
N PRO B 26 14.46 23.37 -22.63
CA PRO B 26 15.47 24.25 -23.24
C PRO B 26 14.87 25.44 -24.02
N HIS B 27 13.56 25.61 -24.01
CA HIS B 27 12.96 26.83 -24.58
C HIS B 27 12.68 27.87 -23.49
N LEU B 28 12.95 27.53 -22.25
CA LEU B 28 13.00 28.56 -21.24
C LEU B 28 14.47 28.94 -21.02
N PRO B 29 14.70 30.17 -20.54
CA PRO B 29 16.06 30.62 -20.33
C PRO B 29 16.83 29.71 -19.34
N ASP B 30 17.99 29.25 -19.80
CA ASP B 30 18.94 28.49 -19.02
C ASP B 30 18.44 27.05 -18.79
N ASN B 31 17.51 26.56 -19.60
CA ASN B 31 17.23 25.12 -19.68
C ASN B 31 16.89 24.53 -18.30
N PRO B 32 15.89 25.09 -17.64
CA PRO B 32 15.57 24.72 -16.28
C PRO B 32 14.80 23.39 -16.11
N ILE B 33 14.95 22.81 -14.95
CA ILE B 33 14.18 21.64 -14.53
C ILE B 33 12.70 22.04 -14.48
N VAL B 34 11.86 21.30 -15.19
CA VAL B 34 10.40 21.47 -15.15
C VAL B 34 9.75 20.24 -14.52
N PHE B 35 10.50 19.16 -14.30
CA PHE B 35 9.99 18.06 -13.49
C PHE B 35 11.14 17.31 -12.83
N ALA B 36 10.97 17.02 -11.54
CA ALA B 36 11.86 16.10 -10.82
C ALA B 36 11.04 15.08 -10.05
N ASN B 37 11.34 13.79 -10.22
CA ASN B 37 10.54 12.70 -9.64
C ASN B 37 10.85 12.54 -8.16
N PRO B 38 10.01 11.84 -7.42
CA PRO B 38 10.27 11.67 -5.99
C PRO B 38 11.64 11.03 -5.69
N ALA B 39 12.14 10.20 -6.60
CA ALA B 39 13.40 9.49 -6.39
C ALA B 39 14.55 10.50 -6.36
N PHE B 40 14.44 11.51 -7.23
CA PHE B 40 15.44 12.55 -7.32
C PHE B 40 15.40 13.37 -6.03
N LEU B 41 14.22 13.68 -5.53
CA LEU B 41 14.08 14.51 -4.33
C LEU B 41 14.56 13.73 -3.09
N LYS B 42 14.43 12.40 -3.10
CA LYS B 42 14.92 11.64 -1.97
C LYS B 42 16.44 11.61 -2.03
N LEU B 43 16.98 11.36 -3.21
CA LEU B 43 18.42 11.26 -3.39
C LEU B 43 19.13 12.53 -2.91
N THR B 44 18.62 13.69 -3.35
CA THR B 44 19.36 14.95 -3.25
C THR B 44 18.92 15.76 -2.02
N GLY B 45 17.75 15.47 -1.47
CA GLY B 45 17.28 16.17 -0.25
C GLY B 45 16.49 17.43 -0.55
N TYR B 46 16.30 17.80 -1.82
CA TYR B 46 15.61 19.05 -2.15
C TYR B 46 14.09 18.82 -2.19
N GLU B 47 13.31 19.88 -1.97
CA GLU B 47 11.87 19.91 -2.23
C GLU B 47 11.64 20.23 -3.70
N ALA B 48 10.48 19.86 -4.24
CA ALA B 48 10.24 20.10 -5.69
C ALA B 48 10.36 21.60 -6.01
N ASP B 49 9.85 22.45 -5.13
CA ASP B 49 9.85 23.90 -5.36
C ASP B 49 11.27 24.48 -5.25
N GLU B 50 12.23 23.76 -4.69
CA GLU B 50 13.60 24.26 -4.65
C GLU B 50 14.38 23.91 -5.94
N VAL B 51 13.89 22.99 -6.76
CA VAL B 51 14.66 22.54 -7.95
C VAL B 51 13.91 22.93 -9.24
N MET B 52 12.59 23.05 -9.22
CA MET B 52 11.86 23.43 -10.43
C MET B 52 12.20 24.89 -10.77
N GLY B 53 12.48 25.17 -12.03
CA GLY B 53 12.80 26.51 -12.46
C GLY B 53 14.28 26.82 -12.41
N ARG B 54 15.11 25.91 -11.93
CA ARG B 54 16.59 26.11 -11.83
C ARG B 54 17.29 25.15 -12.81
N ASN B 55 18.43 25.54 -13.32
CA ASN B 55 19.27 24.66 -14.13
C ASN B 55 19.93 23.62 -13.20
N SER B 56 20.19 22.42 -13.70
CA SER B 56 20.66 21.26 -12.91
C SER B 56 22.08 21.49 -12.35
N ARG B 57 22.76 22.51 -12.85
CA ARG B 57 24.06 23.00 -12.38
C ARG B 57 24.18 23.03 -10.84
N PHE B 58 23.09 23.31 -10.13
CA PHE B 58 23.16 23.51 -8.68
C PHE B 58 23.66 22.24 -7.98
N LEU B 59 23.75 21.11 -8.66
CA LEU B 59 24.26 19.88 -8.07
C LEU B 59 25.79 19.88 -8.06
N GLN B 60 26.43 20.82 -8.75
CA GLN B 60 27.89 20.80 -8.88
C GLN B 60 28.50 21.59 -7.71
N GLY B 61 29.78 21.38 -7.42
CA GLY B 61 30.41 22.02 -6.27
C GLY B 61 31.92 21.89 -6.28
N HIS B 62 32.53 22.03 -5.10
CA HIS B 62 33.96 22.25 -4.99
C HIS B 62 34.75 21.10 -5.62
N GLY B 63 34.25 19.87 -5.56
CA GLY B 63 35.01 18.71 -6.09
C GLY B 63 34.81 18.48 -7.58
N THR B 64 33.94 19.24 -8.24
CA THR B 64 33.41 18.79 -9.55
C THR B 64 34.49 19.01 -10.62
N ASP B 65 34.82 17.98 -11.40
CA ASP B 65 35.82 18.09 -12.42
C ASP B 65 35.27 18.95 -13.56
N PRO B 66 35.84 20.11 -13.83
CA PRO B 66 35.49 20.94 -15.01
C PRO B 66 35.50 20.17 -16.34
N ALA B 67 36.29 19.12 -16.47
CA ALA B 67 36.30 18.35 -17.73
C ALA B 67 34.97 17.63 -17.92
N HIS B 68 34.38 17.17 -16.82
CA HIS B 68 33.07 16.52 -16.87
C HIS B 68 31.99 17.52 -17.29
N VAL B 69 32.01 18.68 -16.66
CA VAL B 69 31.06 19.74 -16.92
C VAL B 69 31.19 20.22 -18.37
N ARG B 70 32.38 20.27 -18.93
CA ARG B 70 32.57 20.73 -20.32
C ARG B 70 31.90 19.74 -21.29
N ALA B 71 32.07 18.45 -21.00
CA ALA B 71 31.59 17.38 -21.87
C ALA B 71 30.06 17.39 -21.91
N ILE B 72 29.44 17.65 -20.75
CA ILE B 72 27.99 17.71 -20.67
C ILE B 72 27.52 18.92 -21.48
N LYS B 73 28.21 20.05 -21.29
CA LYS B 73 27.81 21.30 -21.92
C LYS B 73 27.87 21.12 -23.44
N SER B 74 28.85 20.37 -23.90
CA SER B 74 29.11 20.28 -25.32
C SER B 74 28.10 19.30 -25.94
N ALA B 75 27.78 18.23 -25.23
CA ALA B 75 26.74 17.30 -25.68
C ALA B 75 25.37 17.98 -25.73
N ILE B 76 25.04 18.78 -24.73
CA ILE B 76 23.75 19.45 -24.73
C ILE B 76 23.68 20.44 -25.91
N ALA B 77 24.74 21.21 -26.12
CA ALA B 77 24.75 22.21 -27.20
C ALA B 77 24.60 21.51 -28.56
N ALA B 78 25.17 20.30 -28.70
CA ALA B 78 25.07 19.55 -29.95
C ALA B 78 23.78 18.72 -30.01
N GLU B 79 22.91 18.84 -28.99
CA GLU B 79 21.64 18.11 -28.92
C GLU B 79 21.91 16.60 -29.07
N LYS B 80 22.91 16.09 -28.35
CA LYS B 80 23.25 14.67 -28.38
C LYS B 80 23.17 14.08 -26.96
N PRO B 81 22.98 12.76 -26.86
CA PRO B 81 22.90 12.12 -25.53
C PRO B 81 24.29 12.00 -24.88
N ILE B 82 24.37 11.76 -23.57
CA ILE B 82 25.64 11.52 -22.92
C ILE B 82 25.44 10.66 -21.66
N ASP B 83 26.43 9.80 -21.40
CA ASP B 83 26.57 9.04 -20.17
C ASP B 83 27.88 9.43 -19.50
N ILE B 84 27.86 9.78 -18.22
CA ILE B 84 29.06 10.25 -17.57
C ILE B 84 28.91 10.16 -16.05
N ASP B 85 29.99 9.86 -15.36
CA ASP B 85 30.04 9.89 -13.93
C ASP B 85 30.62 11.24 -13.50
N ILE B 86 30.03 11.85 -12.48
CA ILE B 86 30.42 13.20 -12.12
C ILE B 86 30.16 13.41 -10.62
N ILE B 87 31.00 14.23 -10.00
CA ILE B 87 30.82 14.47 -8.57
C ILE B 87 29.74 15.53 -8.40
N ASN B 88 28.74 15.22 -7.59
CA ASN B 88 27.64 16.12 -7.36
C ASN B 88 27.41 16.18 -5.85
N TYR B 89 26.49 17.03 -5.42
CA TYR B 89 26.34 17.41 -4.04
C TYR B 89 24.85 17.39 -3.69
N LYS B 90 24.53 16.77 -2.59
CA LYS B 90 23.19 16.86 -2.01
C LYS B 90 23.02 18.26 -1.40
N LYS B 91 21.79 18.63 -1.08
CA LYS B 91 21.49 19.90 -0.42
C LYS B 91 22.25 20.00 0.91
N SER B 92 22.32 18.87 1.63
CA SER B 92 23.07 18.78 2.90
C SER B 92 24.53 19.23 2.73
N GLY B 93 25.09 19.00 1.53
CA GLY B 93 26.49 19.28 1.24
C GLY B 93 27.29 18.01 0.99
N GLU B 94 26.65 16.86 1.17
CA GLU B 94 27.32 15.57 1.03
C GLU B 94 27.66 15.30 -0.45
N ALA B 95 28.89 14.93 -0.72
CA ALA B 95 29.30 14.60 -2.08
C ALA B 95 28.87 13.19 -2.45
N PHE B 96 28.59 12.96 -3.73
CA PHE B 96 28.31 11.62 -4.23
C PHE B 96 28.68 11.53 -5.71
N TRP B 97 28.97 10.33 -6.17
CA TRP B 97 29.22 10.11 -7.57
C TRP B 97 27.88 9.89 -8.29
N ASN B 98 27.64 10.69 -9.32
CA ASN B 98 26.40 10.65 -10.04
C ASN B 98 26.63 10.01 -11.42
N ARG B 99 26.10 8.81 -11.62
CA ARG B 99 26.08 8.23 -12.97
C ARG B 99 24.91 8.85 -13.73
N LEU B 100 25.25 9.76 -14.63
CA LEU B 100 24.33 10.67 -15.25
C LEU B 100 24.10 10.25 -16.71
N HIS B 101 22.82 10.12 -17.07
CA HIS B 101 22.43 9.83 -18.43
C HIS B 101 21.48 10.93 -18.91
N ILE B 102 21.84 11.65 -19.98
CA ILE B 102 21.00 12.69 -20.53
C ILE B 102 20.62 12.34 -21.96
N SER B 103 19.37 12.56 -22.34
CA SER B 103 18.92 12.35 -23.70
C SER B 103 18.10 13.57 -24.13
N PRO B 104 18.35 14.07 -25.34
CA PRO B 104 17.49 15.08 -25.96
C PRO B 104 16.18 14.50 -26.47
N VAL B 105 15.14 15.31 -26.53
CA VAL B 105 13.85 14.87 -27.06
C VAL B 105 13.49 15.76 -28.25
N HIS B 106 13.46 15.21 -29.46
CA HIS B 106 13.15 15.98 -30.66
C HIS B 106 11.69 15.81 -31.05
N ASN B 107 11.14 16.87 -31.62
CA ASN B 107 9.86 16.87 -32.31
C ASN B 107 9.92 15.90 -33.51
N ALA B 108 8.78 15.68 -34.16
CA ALA B 108 8.76 14.99 -35.46
C ALA B 108 9.51 15.84 -36.51
N ASN B 109 9.45 17.15 -36.36
CA ASN B 109 10.06 18.10 -37.29
C ASN B 109 11.55 18.31 -36.99
N GLY B 110 12.10 17.67 -35.95
CA GLY B 110 13.51 17.77 -35.64
C GLY B 110 13.82 18.88 -34.65
N ARG B 111 12.80 19.58 -34.13
CA ARG B 111 12.96 20.71 -33.24
C ARG B 111 13.09 20.19 -31.79
N LEU B 112 14.15 20.62 -31.10
CA LEU B 112 14.41 20.20 -29.73
C LEU B 112 13.27 20.67 -28.84
N GLN B 113 12.81 19.80 -27.96
CA GLN B 113 11.59 20.03 -27.20
C GLN B 113 11.90 19.95 -25.70
N HIS B 114 12.56 18.87 -25.27
CA HIS B 114 12.93 18.67 -23.88
C HIS B 114 14.29 17.97 -23.81
N PHE B 115 14.84 17.92 -22.60
CA PHE B 115 15.88 16.96 -22.22
C PHE B 115 15.35 16.11 -21.07
N VAL B 116 15.78 14.85 -21.02
CA VAL B 116 15.38 13.94 -19.97
C VAL B 116 16.65 13.28 -19.45
N SER B 117 16.65 12.93 -18.15
CA SER B 117 17.84 12.40 -17.55
C SER B 117 17.49 11.34 -16.51
N SER B 118 18.45 10.44 -16.30
CA SER B 118 18.56 9.59 -15.11
C SER B 118 19.79 9.99 -14.31
N GLN B 119 19.72 9.79 -13.01
CA GLN B 119 20.79 10.05 -12.10
C GLN B 119 20.84 8.87 -11.13
N LEU B 120 22.01 8.39 -10.82
CA LEU B 120 22.14 7.21 -9.98
C LEU B 120 23.35 7.40 -9.07
N ASP B 121 23.12 7.32 -7.77
CA ASP B 121 24.19 7.37 -6.80
C ASP B 121 25.03 6.10 -6.96
N VAL B 122 26.25 6.21 -7.48
CA VAL B 122 27.13 5.06 -7.63
C VAL B 122 28.36 5.23 -6.72
N THR B 123 28.18 5.83 -5.55
CA THR B 123 29.31 6.12 -4.66
C THR B 123 29.96 4.81 -4.19
N LEU B 124 29.13 3.82 -3.84
CA LEU B 124 29.60 2.54 -3.26
C LEU B 124 30.19 1.66 -4.37
N GLU B 125 29.49 1.53 -5.49
CA GLU B 125 30.05 0.81 -6.66
C GLU B 125 31.46 1.34 -6.95
N LEU B 126 31.62 2.63 -7.19
CA LEU B 126 32.92 3.19 -7.64
C LEU B 126 33.95 3.10 -6.51
N SER B 127 33.51 3.15 -5.27
CA SER B 127 34.38 2.87 -4.11
C SER B 127 34.78 1.38 -4.07
N ARG B 128 35.48 0.94 -5.13
CA ARG B 128 35.83 -0.48 -5.43
C ARG B 128 36.44 -0.58 -6.84
N ALA C 6 -22.59 8.70 -0.97
CA ALA C 6 -22.44 8.69 0.53
C ALA C 6 -22.36 7.24 1.05
N THR C 7 -21.13 6.72 1.20
CA THR C 7 -20.90 5.36 1.75
C THR C 7 -20.90 5.42 3.29
N ASP C 8 -21.49 4.37 3.88
CA ASP C 8 -21.72 4.27 5.32
C ASP C 8 -20.37 4.07 6.01
N PRO C 9 -20.00 5.01 6.91
CA PRO C 9 -18.72 4.91 7.59
C PRO C 9 -18.63 3.66 8.48
N PHE C 10 -19.74 3.29 9.12
CA PHE C 10 -19.75 2.11 10.01
C PHE C 10 -19.58 0.82 9.22
N ARG C 11 -20.18 0.73 8.03
CA ARG C 11 -19.95 -0.43 7.19
C ARG C 11 -18.45 -0.52 6.87
N ALA C 12 -17.84 0.62 6.54
CA ALA C 12 -16.42 0.65 6.15
C ALA C 12 -15.53 0.30 7.36
N ALA C 13 -15.95 0.71 8.55
CA ALA C 13 -15.26 0.33 9.78
C ALA C 13 -15.11 -1.19 9.85
N VAL C 14 -16.22 -1.89 9.60
CA VAL C 14 -16.29 -3.34 9.69
C VAL C 14 -15.54 -3.96 8.50
N GLU C 15 -15.65 -3.40 7.30
CA GLU C 15 -15.01 -4.08 6.18
C GLU C 15 -13.49 -3.91 6.28
N PHE C 16 -12.98 -2.88 6.96
CA PHE C 16 -11.53 -2.55 6.92
C PHE C 16 -10.78 -3.03 8.18
N THR C 17 -11.47 -3.21 9.30
CA THR C 17 -10.82 -3.72 10.51
C THR C 17 -10.13 -5.07 10.26
N LEU C 18 -9.10 -5.34 11.06
CA LEU C 18 -8.34 -6.60 11.02
C LEU C 18 -9.00 -7.64 11.94
N MET C 19 -9.98 -7.22 12.74
CA MET C 19 -10.79 -8.08 13.61
C MET C 19 -11.88 -8.79 12.78
N PRO C 20 -11.86 -10.14 12.72
CA PRO C 20 -12.91 -10.89 12.01
C PRO C 20 -14.31 -10.61 12.58
N MET C 21 -15.30 -10.43 11.70
CA MET C 21 -16.65 -10.10 12.14
C MET C 21 -17.70 -10.75 11.23
N LEU C 22 -18.81 -11.21 11.84
CA LEU C 22 -19.97 -11.76 11.07
C LEU C 22 -21.26 -11.03 11.47
N ILE C 23 -22.14 -10.85 10.50
CA ILE C 23 -23.51 -10.47 10.79
C ILE C 23 -24.44 -11.57 10.27
N THR C 24 -25.42 -11.96 11.12
CA THR C 24 -26.38 -13.00 10.75
C THR C 24 -27.79 -12.43 10.85
N ASN C 25 -28.73 -13.13 10.19
CA ASN C 25 -30.11 -12.68 10.10
C ASN C 25 -31.01 -13.78 10.66
N PRO C 26 -31.46 -13.61 11.92
CA PRO C 26 -32.22 -14.65 12.58
C PRO C 26 -33.68 -14.75 12.11
N HIS C 27 -34.09 -13.91 11.14
CA HIS C 27 -35.42 -14.00 10.58
C HIS C 27 -35.39 -14.78 9.28
N LEU C 28 -34.23 -15.27 8.86
CA LEU C 28 -34.20 -16.29 7.84
C LEU C 28 -33.96 -17.64 8.52
N PRO C 29 -34.37 -18.73 7.87
CA PRO C 29 -34.21 -20.06 8.43
C PRO C 29 -32.74 -20.37 8.75
N ASP C 30 -32.54 -20.74 10.01
CA ASP C 30 -31.26 -21.21 10.51
C ASP C 30 -30.25 -20.07 10.67
N ASN C 31 -30.71 -18.82 10.74
CA ASN C 31 -29.88 -17.70 11.24
C ASN C 31 -28.57 -17.58 10.46
N PRO C 32 -28.66 -17.45 9.14
CA PRO C 32 -27.49 -17.46 8.29
C PRO C 32 -26.65 -16.17 8.29
N ILE C 33 -25.37 -16.35 8.00
CA ILE C 33 -24.44 -15.27 7.77
C ILE C 33 -24.93 -14.47 6.56
N VAL C 34 -25.12 -13.17 6.73
CA VAL C 34 -25.45 -12.26 5.63
C VAL C 34 -24.30 -11.30 5.39
N PHE C 35 -23.32 -11.24 6.28
CA PHE C 35 -22.11 -10.47 6.02
C PHE C 35 -20.92 -11.09 6.75
N ALA C 36 -19.83 -11.24 6.02
CA ALA C 36 -18.54 -11.62 6.60
C ALA C 36 -17.47 -10.69 6.05
N ASN C 37 -16.66 -10.11 6.94
CA ASN C 37 -15.66 -9.13 6.54
C ASN C 37 -14.42 -9.88 6.01
N PRO C 38 -13.57 -9.16 5.30
CA PRO C 38 -12.37 -9.81 4.77
C PRO C 38 -11.46 -10.43 5.84
N ALA C 39 -11.51 -9.90 7.06
CA ALA C 39 -10.67 -10.41 8.16
C ALA C 39 -11.11 -11.83 8.52
N PHE C 40 -12.41 -12.07 8.46
CA PHE C 40 -12.96 -13.38 8.76
C PHE C 40 -12.54 -14.36 7.66
N LEU C 41 -12.55 -13.92 6.41
CA LEU C 41 -12.18 -14.79 5.29
C LEU C 41 -10.67 -15.06 5.32
N LYS C 42 -9.86 -14.14 5.83
CA LYS C 42 -8.44 -14.40 5.93
C LYS C 42 -8.20 -15.41 7.06
N LEU C 43 -8.88 -15.22 8.18
CA LEU C 43 -8.72 -16.09 9.35
C LEU C 43 -9.04 -17.54 8.99
N THR C 44 -10.17 -17.74 8.31
CA THR C 44 -10.73 -19.08 8.14
C THR C 44 -10.32 -19.70 6.80
N GLY C 45 -9.93 -18.89 5.81
CA GLY C 45 -9.46 -19.40 4.51
C GLY C 45 -10.59 -19.58 3.50
N TYR C 46 -11.83 -19.26 3.87
CA TYR C 46 -12.97 -19.46 2.98
C TYR C 46 -13.16 -18.24 2.06
N GLU C 47 -13.76 -18.46 0.89
CA GLU C 47 -14.18 -17.36 -0.01
C GLU C 47 -15.56 -16.87 0.47
N ALA C 48 -15.92 -15.65 0.12
CA ALA C 48 -17.20 -15.08 0.62
C ALA C 48 -18.40 -15.97 0.23
N ASP C 49 -18.40 -16.51 -0.98
CA ASP C 49 -19.51 -17.32 -1.47
C ASP C 49 -19.58 -18.67 -0.74
N GLU C 50 -18.52 -19.09 -0.05
CA GLU C 50 -18.54 -20.35 0.70
C GLU C 50 -19.12 -20.14 2.10
N VAL C 51 -19.26 -18.92 2.60
CA VAL C 51 -19.77 -18.69 3.98
C VAL C 51 -21.12 -17.96 3.96
N MET C 52 -21.40 -17.17 2.93
CA MET C 52 -22.63 -16.37 2.90
C MET C 52 -23.83 -17.31 2.76
N GLY C 53 -24.87 -17.08 3.55
CA GLY C 53 -26.11 -17.84 3.43
C GLY C 53 -26.09 -19.12 4.24
N ARG C 54 -25.02 -19.39 4.99
CA ARG C 54 -24.87 -20.60 5.81
C ARG C 54 -24.90 -20.21 7.29
N ASN C 55 -25.28 -21.13 8.15
CA ASN C 55 -25.15 -20.94 9.59
C ASN C 55 -23.67 -21.09 9.96
N SER C 56 -23.22 -20.36 10.98
CA SER C 56 -21.78 -20.28 11.33
C SER C 56 -21.24 -21.63 11.85
N ARG C 57 -22.14 -22.54 12.16
CA ARG C 57 -21.88 -23.93 12.56
C ARG C 57 -20.77 -24.60 11.76
N PHE C 58 -20.66 -24.28 10.47
CA PHE C 58 -19.72 -24.98 9.58
C PHE C 58 -18.27 -24.86 10.09
N LEU C 59 -18.00 -23.97 11.05
CA LEU C 59 -16.65 -23.83 11.60
C LEU C 59 -16.36 -24.91 12.65
N GLN C 60 -17.37 -25.67 13.05
CA GLN C 60 -17.19 -26.63 14.14
C GLN C 60 -16.77 -27.98 13.54
N GLY C 61 -16.23 -28.87 14.36
CA GLY C 61 -15.69 -30.15 13.88
C GLY C 61 -15.42 -31.10 15.03
N HIS C 62 -14.64 -32.16 14.76
CA HIS C 62 -14.58 -33.28 15.71
C HIS C 62 -14.04 -32.84 17.07
N GLY C 63 -13.16 -31.84 17.12
CA GLY C 63 -12.54 -31.40 18.39
C GLY C 63 -13.42 -30.45 19.19
N THR C 64 -14.54 -30.01 18.62
CA THR C 64 -15.38 -28.99 19.25
C THR C 64 -16.13 -29.63 20.44
N ASP C 65 -16.03 -29.00 21.60
CA ASP C 65 -16.71 -29.47 22.78
C ASP C 65 -18.21 -29.20 22.59
N PRO C 66 -19.06 -30.24 22.55
CA PRO C 66 -20.51 -30.05 22.50
C PRO C 66 -21.07 -29.18 23.64
N ALA C 67 -20.40 -29.09 24.78
CA ALA C 67 -20.90 -28.24 25.86
C ALA C 67 -20.77 -26.76 25.48
N HIS C 68 -19.73 -26.40 24.72
CA HIS C 68 -19.59 -25.04 24.20
C HIS C 68 -20.73 -24.70 23.24
N VAL C 69 -20.99 -25.61 22.30
CA VAL C 69 -22.02 -25.44 21.30
C VAL C 69 -23.39 -25.34 21.97
N ARG C 70 -23.63 -26.06 23.06
CA ARG C 70 -24.95 -26.00 23.75
C ARG C 70 -25.14 -24.61 24.37
N ALA C 71 -24.08 -24.06 24.94
CA ALA C 71 -24.13 -22.76 25.64
C ALA C 71 -24.43 -21.64 24.64
N ILE C 72 -23.83 -21.73 23.46
CA ILE C 72 -24.05 -20.74 22.42
C ILE C 72 -25.51 -20.85 21.97
N LYS C 73 -25.96 -22.07 21.77
CA LYS C 73 -27.31 -22.32 21.27
C LYS C 73 -28.32 -21.74 22.25
N SER C 74 -28.02 -21.84 23.53
CA SER C 74 -28.98 -21.44 24.54
C SER C 74 -29.02 -19.91 24.65
N ALA C 75 -27.84 -19.28 24.57
CA ALA C 75 -27.78 -17.83 24.55
C ALA C 75 -28.49 -17.25 23.31
N ILE C 76 -28.29 -17.87 22.14
CA ILE C 76 -28.93 -17.34 20.94
C ILE C 76 -30.45 -17.48 21.04
N ALA C 77 -30.92 -18.62 21.51
CA ALA C 77 -32.36 -18.86 21.65
C ALA C 77 -32.98 -17.84 22.63
N ALA C 78 -32.24 -17.44 23.65
CA ALA C 78 -32.72 -16.45 24.63
C ALA C 78 -32.44 -15.01 24.14
N GLU C 79 -31.89 -14.86 22.94
CA GLU C 79 -31.58 -13.53 22.35
C GLU C 79 -30.67 -12.73 23.31
N LYS C 80 -29.65 -13.38 23.86
CA LYS C 80 -28.73 -12.74 24.80
C LYS C 80 -27.28 -12.85 24.27
N PRO C 81 -26.37 -11.99 24.75
CA PRO C 81 -24.96 -12.02 24.29
C PRO C 81 -24.20 -13.22 24.85
N ILE C 82 -23.07 -13.59 24.25
CA ILE C 82 -22.18 -14.55 24.88
C ILE C 82 -20.74 -14.32 24.43
N ASP C 83 -19.82 -14.52 25.38
CA ASP C 83 -18.38 -14.57 25.15
C ASP C 83 -17.87 -15.97 25.48
N ILE C 84 -17.18 -16.62 24.55
CA ILE C 84 -16.80 -18.00 24.78
C ILE C 84 -15.66 -18.40 23.84
N ASP C 85 -14.75 -19.21 24.37
CA ASP C 85 -13.67 -19.77 23.58
C ASP C 85 -14.11 -21.16 23.13
N ILE C 86 -13.86 -21.47 21.85
CA ILE C 86 -14.39 -22.69 21.29
C ILE C 86 -13.45 -23.18 20.17
N ILE C 87 -13.35 -24.50 19.99
CA ILE C 87 -12.47 -24.98 18.94
C ILE C 87 -13.21 -24.89 17.61
N ASN C 88 -12.55 -24.29 16.64
CA ASN C 88 -13.11 -24.18 15.31
C ASN C 88 -12.04 -24.62 14.30
N TYR C 89 -12.41 -24.64 13.03
CA TYR C 89 -11.58 -25.24 12.01
C TYR C 89 -11.50 -24.31 10.81
N LYS C 90 -10.29 -24.08 10.35
CA LYS C 90 -10.09 -23.40 9.08
C LYS C 90 -10.45 -24.36 7.95
N LYS C 91 -10.60 -23.82 6.75
CA LYS C 91 -10.85 -24.61 5.54
C LYS C 91 -9.71 -25.62 5.33
N SER C 92 -8.48 -25.19 5.58
CA SER C 92 -7.28 -26.06 5.52
C SER C 92 -7.46 -27.33 6.37
N GLY C 93 -8.21 -27.25 7.47
CA GLY C 93 -8.38 -28.37 8.40
C GLY C 93 -7.74 -28.07 9.74
N GLU C 94 -7.00 -26.97 9.83
CA GLU C 94 -6.29 -26.60 11.06
C GLU C 94 -7.30 -26.20 12.14
N ALA C 95 -7.19 -26.82 13.31
CA ALA C 95 -8.00 -26.45 14.44
C ALA C 95 -7.39 -25.19 15.10
N PHE C 96 -8.25 -24.33 15.65
CA PHE C 96 -7.79 -23.14 16.38
C PHE C 96 -8.80 -22.78 17.46
N TRP C 97 -8.34 -22.08 18.49
CA TRP C 97 -9.23 -21.58 19.51
C TRP C 97 -9.83 -20.25 19.04
N ASN C 98 -11.15 -20.19 19.02
CA ASN C 98 -11.87 -19.03 18.57
C ASN C 98 -12.47 -18.30 19.78
N ARG C 99 -11.94 -17.13 20.11
CA ARG C 99 -12.58 -16.27 21.11
C ARG C 99 -13.72 -15.53 20.42
N LEU C 100 -14.91 -15.99 20.75
CA LEU C 100 -16.12 -15.67 20.04
C LEU C 100 -16.96 -14.74 20.91
N HIS C 101 -17.35 -13.61 20.34
CA HIS C 101 -18.15 -12.61 21.04
C HIS C 101 -19.39 -12.32 20.20
N ILE C 102 -20.56 -12.66 20.72
CA ILE C 102 -21.80 -12.54 19.96
C ILE C 102 -22.70 -11.56 20.70
N SER C 103 -23.31 -10.65 19.96
CA SER C 103 -24.26 -9.73 20.52
C SER C 103 -25.52 -9.74 19.64
N PRO C 104 -26.70 -9.79 20.27
CA PRO C 104 -27.95 -9.52 19.55
C PRO C 104 -28.13 -8.03 19.25
N VAL C 105 -28.86 -7.72 18.20
CA VAL C 105 -29.15 -6.34 17.84
C VAL C 105 -30.66 -6.13 17.92
N HIS C 106 -31.12 -5.28 18.85
CA HIS C 106 -32.54 -5.04 19.01
C HIS C 106 -32.98 -3.79 18.25
N ASN C 107 -34.21 -3.84 17.79
CA ASN C 107 -34.96 -2.70 17.26
C ASN C 107 -35.09 -1.62 18.34
N ALA C 108 -35.64 -0.47 17.99
CA ALA C 108 -36.06 0.53 18.99
C ALA C 108 -37.14 -0.07 19.92
N ASN C 109 -37.99 -0.93 19.34
CA ASN C 109 -39.13 -1.50 20.05
C ASN C 109 -38.71 -2.74 20.84
N GLY C 110 -37.45 -3.18 20.75
CA GLY C 110 -36.97 -4.35 21.51
C GLY C 110 -37.14 -5.65 20.74
N ARG C 111 -37.46 -5.57 19.45
CA ARG C 111 -37.58 -6.78 18.60
C ARG C 111 -36.20 -7.13 18.00
N LEU C 112 -35.78 -8.39 18.14
CA LEU C 112 -34.50 -8.87 17.59
C LEU C 112 -34.45 -8.64 16.08
N GLN C 113 -33.32 -8.15 15.57
CA GLN C 113 -33.16 -7.74 14.19
C GLN C 113 -32.01 -8.52 13.53
N HIS C 114 -30.84 -8.48 14.18
CA HIS C 114 -29.63 -9.15 13.69
C HIS C 114 -28.85 -9.73 14.88
N PHE C 115 -27.86 -10.55 14.56
CA PHE C 115 -26.76 -10.84 15.48
C PHE C 115 -25.46 -10.36 14.84
N VAL C 116 -24.52 -9.94 15.67
CA VAL C 116 -23.20 -9.54 15.24
C VAL C 116 -22.19 -10.27 16.10
N SER C 117 -21.03 -10.56 15.51
CA SER C 117 -19.98 -11.25 16.22
C SER C 117 -18.60 -10.70 15.87
N SER C 118 -17.70 -10.90 16.84
CA SER C 118 -16.24 -10.89 16.64
C SER C 118 -15.69 -12.30 16.81
N GLN C 119 -14.61 -12.58 16.12
CA GLN C 119 -13.91 -13.84 16.19
C GLN C 119 -12.41 -13.53 16.24
N LEU C 120 -11.67 -14.26 17.04
CA LEU C 120 -10.25 -13.99 17.21
C LEU C 120 -9.51 -15.30 17.46
N ASP C 121 -8.48 -15.58 16.66
CA ASP C 121 -7.62 -16.73 16.89
C ASP C 121 -6.82 -16.46 18.17
N VAL C 122 -7.12 -17.17 19.26
CA VAL C 122 -6.38 -17.01 20.51
C VAL C 122 -5.63 -18.30 20.84
N THR C 123 -5.14 -19.02 19.83
CA THR C 123 -4.53 -20.33 20.06
C THR C 123 -3.26 -20.18 20.92
N LEU C 124 -2.45 -19.15 20.62
CA LEU C 124 -1.15 -18.93 21.27
C LEU C 124 -1.36 -18.42 22.70
N GLU C 125 -2.20 -17.41 22.88
CA GLU C 125 -2.55 -16.94 24.23
C GLU C 125 -2.95 -18.14 25.10
N LEU C 126 -3.95 -18.92 24.69
CA LEU C 126 -4.49 -20.01 25.54
C LEU C 126 -3.42 -21.11 25.76
N SER C 127 -2.54 -21.34 24.78
CA SER C 127 -1.79 -22.62 24.80
C SER C 127 -0.65 -22.55 25.84
N ARG C 128 -0.15 -21.36 26.14
CA ARG C 128 0.83 -21.18 27.24
C ARG C 128 0.06 -21.03 28.57
N LEU C 129 -0.43 -22.13 29.13
CA LEU C 129 -1.02 -22.11 30.48
C LEU C 129 -0.71 -23.43 31.21
N GLN D 5 -38.99 1.14 11.28
CA GLN D 5 -37.76 1.77 11.85
C GLN D 5 -36.83 0.65 12.34
N ALA D 6 -35.56 0.69 11.89
CA ALA D 6 -34.63 -0.44 11.97
C ALA D 6 -33.23 0.07 12.33
N THR D 7 -32.53 -0.62 13.23
CA THR D 7 -31.15 -0.24 13.61
C THR D 7 -30.15 -0.82 12.61
N ASP D 8 -29.12 -0.03 12.32
CA ASP D 8 -28.04 -0.42 11.41
C ASP D 8 -27.20 -1.51 12.08
N PRO D 9 -27.12 -2.69 11.45
CA PRO D 9 -26.35 -3.80 12.03
C PRO D 9 -24.85 -3.45 12.14
N PHE D 10 -24.32 -2.75 11.14
CA PHE D 10 -22.89 -2.39 11.14
C PHE D 10 -22.58 -1.39 12.25
N ARG D 11 -23.46 -0.43 12.52
CA ARG D 11 -23.25 0.47 13.65
C ARG D 11 -23.18 -0.37 14.94
N ALA D 12 -24.08 -1.33 15.09
CA ALA D 12 -24.13 -2.16 16.29
C ALA D 12 -22.87 -3.04 16.41
N ALA D 13 -22.36 -3.50 15.27
CA ALA D 13 -21.11 -4.24 15.25
C ALA D 13 -20.00 -3.41 15.93
N VAL D 14 -19.90 -2.14 15.56
CA VAL D 14 -18.88 -1.25 16.05
C VAL D 14 -19.17 -0.88 17.52
N GLU D 15 -20.43 -0.66 17.87
CA GLU D 15 -20.73 -0.23 19.22
C GLU D 15 -20.42 -1.38 20.21
N PHE D 16 -20.56 -2.64 19.77
CA PHE D 16 -20.58 -3.77 20.71
C PHE D 16 -19.23 -4.52 20.73
N THR D 17 -18.42 -4.42 19.68
CA THR D 17 -17.08 -5.02 19.69
C THR D 17 -16.26 -4.53 20.89
N LEU D 18 -15.35 -5.38 21.35
CA LEU D 18 -14.44 -5.08 22.45
C LEU D 18 -13.15 -4.45 21.90
N MET D 19 -13.00 -4.42 20.57
CA MET D 19 -11.90 -3.75 19.88
C MET D 19 -12.18 -2.23 19.82
N PRO D 20 -11.29 -1.40 20.40
CA PRO D 20 -11.44 0.06 20.31
C PRO D 20 -11.44 0.57 18.86
N MET D 21 -12.34 1.50 18.53
CA MET D 21 -12.45 2.00 17.16
C MET D 21 -12.82 3.49 17.14
N LEU D 22 -12.26 4.24 16.18
CA LEU D 22 -12.60 5.68 15.96
C LEU D 22 -13.03 5.91 14.51
N ILE D 23 -13.95 6.85 14.32
CA ILE D 23 -14.23 7.39 13.00
C ILE D 23 -13.97 8.89 13.04
N THR D 24 -13.26 9.40 12.05
CA THR D 24 -12.96 10.84 11.94
C THR D 24 -13.51 11.37 10.61
N ASN D 25 -13.67 12.69 10.56
CA ASN D 25 -14.29 13.34 9.42
C ASN D 25 -13.31 14.39 8.89
N PRO D 26 -12.59 14.07 7.81
CA PRO D 26 -11.57 14.96 7.28
C PRO D 26 -12.13 16.18 6.53
N HIS D 27 -13.45 16.34 6.46
CA HIS D 27 -14.03 17.55 5.88
C HIS D 27 -14.42 18.55 6.98
N LEU D 28 -14.20 18.20 8.23
CA LEU D 28 -14.24 19.19 9.28
C LEU D 28 -12.79 19.60 9.60
N PRO D 29 -12.59 20.78 10.16
CA PRO D 29 -11.24 21.26 10.39
C PRO D 29 -10.47 20.36 11.36
N ASP D 30 -9.28 19.94 10.89
CA ASP D 30 -8.34 19.16 11.68
C ASP D 30 -8.83 17.71 11.89
N ASN D 31 -9.74 17.23 11.04
CA ASN D 31 -9.99 15.79 10.92
C ASN D 31 -10.38 15.18 12.28
N PRO D 32 -11.40 15.72 12.92
CA PRO D 32 -11.76 15.34 14.28
C PRO D 32 -12.52 14.01 14.39
N ILE D 33 -12.40 13.40 15.54
CA ILE D 33 -13.19 12.23 15.90
C ILE D 33 -14.66 12.61 15.89
N VAL D 34 -15.46 11.87 15.14
CA VAL D 34 -16.92 12.03 15.13
C VAL D 34 -17.58 10.79 15.74
N PHE D 35 -16.83 9.72 15.96
CA PHE D 35 -17.36 8.58 16.69
C PHE D 35 -16.22 7.84 17.40
N ALA D 36 -16.46 7.53 18.66
CA ALA D 36 -15.60 6.63 19.42
C ALA D 36 -16.47 5.59 20.13
N ASN D 37 -16.14 4.31 19.99
CA ASN D 37 -16.96 3.24 20.55
C ASN D 37 -16.66 3.09 22.05
N PRO D 38 -17.52 2.40 22.76
CA PRO D 38 -17.28 2.25 24.21
C PRO D 38 -15.94 1.56 24.52
N ALA D 39 -15.44 0.74 23.60
CA ALA D 39 -14.19 0.00 23.84
C ALA D 39 -13.02 1.00 23.89
N PHE D 40 -13.10 2.02 23.05
CA PHE D 40 -12.08 3.04 23.02
C PHE D 40 -12.13 3.85 24.33
N LEU D 41 -13.33 4.15 24.80
CA LEU D 41 -13.47 4.93 26.04
C LEU D 41 -13.04 4.09 27.25
N LYS D 42 -13.18 2.78 27.21
CA LYS D 42 -12.73 1.97 28.31
C LYS D 42 -11.19 1.92 28.28
N LEU D 43 -10.62 1.75 27.09
CA LEU D 43 -9.18 1.64 26.94
C LEU D 43 -8.48 2.89 27.49
N THR D 44 -8.99 4.05 27.09
CA THR D 44 -8.27 5.30 27.29
C THR D 44 -8.73 6.01 28.57
N GLY D 45 -9.93 5.71 29.07
CA GLY D 45 -10.43 6.32 30.32
C GLY D 45 -11.22 7.60 30.09
N TYR D 46 -11.35 8.06 28.85
CA TYR D 46 -12.04 9.33 28.57
C TYR D 46 -13.55 9.12 28.42
N GLU D 47 -14.33 10.16 28.67
CA GLU D 47 -15.78 10.16 28.40
C GLU D 47 -15.97 10.56 26.94
N ALA D 48 -17.11 10.20 26.36
CA ALA D 48 -17.34 10.46 24.92
C ALA D 48 -17.19 11.96 24.61
N ASP D 49 -17.71 12.83 25.46
CA ASP D 49 -17.69 14.28 25.16
C ASP D 49 -16.26 14.85 25.33
N GLU D 50 -15.35 14.13 25.95
CA GLU D 50 -13.95 14.59 26.04
C GLU D 50 -13.16 14.22 24.78
N VAL D 51 -13.63 13.30 23.91
CA VAL D 51 -12.86 12.90 22.72
C VAL D 51 -13.58 13.33 21.44
N MET D 52 -14.90 13.48 21.47
CA MET D 52 -15.65 13.85 20.26
C MET D 52 -15.28 15.29 19.87
N GLY D 53 -15.03 15.53 18.59
CA GLY D 53 -14.75 16.86 18.08
C GLY D 53 -13.28 17.25 18.20
N ARG D 54 -12.42 16.34 18.67
CA ARG D 54 -10.98 16.57 18.86
C ARG D 54 -10.20 15.73 17.84
N ASN D 55 -9.04 16.16 17.43
CA ASN D 55 -8.14 15.30 16.61
C ASN D 55 -7.49 14.27 17.55
N SER D 56 -7.21 13.07 17.05
CA SER D 56 -6.78 11.91 17.85
C SER D 56 -5.38 12.15 18.47
N ARG D 57 -4.67 13.15 17.97
CA ARG D 57 -3.39 13.64 18.48
C ARG D 57 -3.31 13.68 20.02
N PHE D 58 -4.43 13.97 20.68
CA PHE D 58 -4.43 14.21 22.15
C PHE D 58 -3.94 12.96 22.90
N LEU D 59 -3.84 11.81 22.22
CA LEU D 59 -3.34 10.61 22.86
C LEU D 59 -1.80 10.61 22.93
N GLN D 60 -1.15 11.54 22.26
CA GLN D 60 0.32 11.51 22.15
C GLN D 60 0.90 12.26 23.35
N GLY D 61 2.17 12.01 23.68
CA GLY D 61 2.79 12.64 24.85
C GLY D 61 4.30 12.52 24.85
N HIS D 62 4.90 12.65 26.04
CA HIS D 62 6.36 12.86 26.13
C HIS D 62 7.12 11.69 25.51
N GLY D 63 6.61 10.46 25.58
CA GLY D 63 7.32 9.28 25.09
C GLY D 63 7.15 9.06 23.59
N THR D 64 6.30 9.83 22.91
CA THR D 64 5.84 9.43 21.58
C THR D 64 6.97 9.70 20.56
N ASP D 65 7.31 8.70 19.77
CA ASP D 65 8.36 8.85 18.78
C ASP D 65 7.84 9.74 17.65
N PRO D 66 8.43 10.93 17.44
CA PRO D 66 8.11 11.77 16.28
C PRO D 66 8.18 11.06 14.92
N ALA D 67 8.98 10.03 14.78
CA ALA D 67 9.03 9.28 13.50
C ALA D 67 7.71 8.54 13.25
N HIS D 68 7.09 8.05 14.32
CA HIS D 68 5.78 7.41 14.22
C HIS D 68 4.72 8.42 13.75
N VAL D 69 4.70 9.57 14.41
CA VAL D 69 3.75 10.64 14.13
C VAL D 69 3.93 11.14 12.70
N ARG D 70 5.16 11.21 12.20
CA ARG D 70 5.39 11.69 10.83
C ARG D 70 4.80 10.72 9.81
N ALA D 71 4.98 9.43 10.07
CA ALA D 71 4.53 8.36 9.15
C ALA D 71 3.00 8.36 9.05
N ILE D 72 2.33 8.59 10.19
CA ILE D 72 0.89 8.65 10.18
C ILE D 72 0.44 9.87 9.38
N LYS D 73 1.10 11.00 9.63
CA LYS D 73 0.71 12.25 9.00
C LYS D 73 0.86 12.12 7.48
N SER D 74 1.87 11.39 7.06
CA SER D 74 2.18 11.31 5.65
C SER D 74 1.21 10.35 4.95
N ALA D 75 0.87 9.25 5.64
CA ALA D 75 -0.15 8.33 5.13
C ALA D 75 -1.53 9.02 5.04
N ILE D 76 -1.91 9.81 6.04
CA ILE D 76 -3.20 10.48 6.00
C ILE D 76 -3.25 11.47 4.82
N ALA D 77 -2.19 12.25 4.65
CA ALA D 77 -2.14 13.25 3.58
C ALA D 77 -2.24 12.54 2.21
N ALA D 78 -1.67 11.36 2.08
CA ALA D 78 -1.70 10.59 0.83
C ALA D 78 -2.98 9.76 0.73
N GLU D 79 -3.89 9.86 1.71
CA GLU D 79 -5.14 9.09 1.75
C GLU D 79 -4.85 7.59 1.59
N LYS D 80 -3.86 7.09 2.34
CA LYS D 80 -3.47 5.69 2.30
C LYS D 80 -3.61 5.09 3.70
N PRO D 81 -3.78 3.76 3.79
CA PRO D 81 -3.89 3.10 5.10
C PRO D 81 -2.53 3.04 5.82
N ILE D 82 -2.52 2.77 7.13
CA ILE D 82 -1.28 2.51 7.83
C ILE D 82 -1.53 1.61 9.04
N ASP D 83 -0.57 0.73 9.31
CA ASP D 83 -0.48 -0.06 10.53
C ASP D 83 0.80 0.32 11.29
N ILE D 84 0.68 0.67 12.57
CA ILE D 84 1.85 1.17 13.27
C ILE D 84 1.61 1.06 14.78
N ASP D 85 2.69 0.75 15.50
CA ASP D 85 2.67 0.76 16.95
C ASP D 85 3.23 2.10 17.41
N ILE D 86 2.60 2.70 18.41
CA ILE D 86 2.96 4.05 18.81
C ILE D 86 2.67 4.23 20.30
N ILE D 87 3.47 5.05 20.98
CA ILE D 87 3.25 5.24 22.41
C ILE D 87 2.14 6.28 22.58
N ASN D 88 1.12 5.92 23.35
CA ASN D 88 0.02 6.82 23.61
C ASN D 88 -0.25 6.83 25.12
N TYR D 89 -1.19 7.68 25.55
CA TYR D 89 -1.35 7.96 26.96
C TYR D 89 -2.84 7.89 27.32
N LYS D 90 -3.15 7.17 28.38
CA LYS D 90 -4.50 7.18 28.93
C LYS D 90 -4.73 8.49 29.67
N LYS D 91 -5.97 8.75 30.03
CA LYS D 91 -6.35 9.94 30.78
C LYS D 91 -5.64 9.94 32.13
N SER D 92 -5.53 8.77 32.76
CA SER D 92 -4.81 8.60 34.04
C SER D 92 -3.37 9.12 33.92
N GLY D 93 -2.78 9.05 32.72
CA GLY D 93 -1.39 9.42 32.51
C GLY D 93 -0.54 8.23 32.13
N GLU D 94 -1.12 7.03 32.20
CA GLU D 94 -0.38 5.80 31.98
C GLU D 94 -0.02 5.66 30.49
N ALA D 95 1.23 5.37 30.22
CA ALA D 95 1.67 5.14 28.83
C ALA D 95 1.29 3.73 28.40
N PHE D 96 1.03 3.56 27.10
CA PHE D 96 0.78 2.23 26.56
C PHE D 96 1.16 2.20 25.08
N TRP D 97 1.49 1.02 24.60
CA TRP D 97 1.75 0.83 23.19
C TRP D 97 0.42 0.62 22.47
N ASN D 98 0.17 1.43 21.47
CA ASN D 98 -1.06 1.41 20.73
C ASN D 98 -0.79 0.81 19.34
N ARG D 99 -1.29 -0.40 19.07
CA ARG D 99 -1.27 -0.96 17.73
C ARG D 99 -2.44 -0.34 16.96
N LEU D 100 -2.08 0.58 16.07
CA LEU D 100 -2.99 1.47 15.43
C LEU D 100 -3.14 1.05 13.96
N HIS D 101 -4.39 0.88 13.53
CA HIS D 101 -4.70 0.60 12.14
C HIS D 101 -5.64 1.69 11.63
N ILE D 102 -5.22 2.43 10.61
CA ILE D 102 -6.06 3.48 10.04
C ILE D 102 -6.36 3.14 8.58
N SER D 103 -7.61 3.32 8.17
CA SER D 103 -8.00 3.13 6.81
C SER D 103 -8.81 4.34 6.36
N PRO D 104 -8.51 4.86 5.15
CA PRO D 104 -9.37 5.86 4.50
C PRO D 104 -10.66 5.24 3.97
N VAL D 105 -11.72 6.03 3.88
CA VAL D 105 -12.97 5.58 3.29
C VAL D 105 -13.27 6.47 2.08
N HIS D 106 -13.29 5.90 0.88
CA HIS D 106 -13.56 6.67 -0.33
C HIS D 106 -15.03 6.54 -0.73
N ASN D 107 -15.53 7.59 -1.35
CA ASN D 107 -16.80 7.61 -2.08
C ASN D 107 -16.76 6.56 -3.21
N ALA D 108 -17.89 6.37 -3.88
CA ALA D 108 -17.90 5.60 -5.14
C ALA D 108 -17.06 6.32 -6.21
N ASN D 109 -17.03 7.64 -6.15
CA ASN D 109 -16.33 8.48 -7.12
C ASN D 109 -14.85 8.63 -6.76
N GLY D 110 -14.40 8.06 -5.64
CA GLY D 110 -12.99 8.13 -5.25
C GLY D 110 -12.68 9.32 -4.35
N ARG D 111 -13.69 10.08 -3.93
CA ARG D 111 -13.45 11.26 -3.07
C ARG D 111 -13.47 10.83 -1.58
N LEU D 112 -12.48 11.27 -0.83
CA LEU D 112 -12.31 10.90 0.58
C LEU D 112 -13.51 11.36 1.40
N GLN D 113 -14.01 10.48 2.25
CA GLN D 113 -15.24 10.69 3.00
C GLN D 113 -14.96 10.67 4.50
N HIS D 114 -14.32 9.60 4.98
CA HIS D 114 -14.02 9.40 6.40
C HIS D 114 -12.66 8.69 6.54
N PHE D 115 -12.16 8.65 7.77
CA PHE D 115 -11.14 7.69 8.19
C PHE D 115 -11.72 6.83 9.32
N VAL D 116 -11.28 5.58 9.37
CA VAL D 116 -11.70 4.63 10.41
C VAL D 116 -10.44 3.99 10.97
N SER D 117 -10.47 3.64 12.25
CA SER D 117 -9.33 3.08 12.91
C SER D 117 -9.73 2.01 13.90
N SER D 118 -8.78 1.09 14.13
CA SER D 118 -8.71 0.23 15.32
C SER D 118 -7.51 0.64 16.18
N GLN D 119 -7.63 0.40 17.47
CA GLN D 119 -6.60 0.66 18.44
C GLN D 119 -6.57 -0.52 19.40
N LEU D 120 -5.40 -0.96 19.79
CA LEU D 120 -5.26 -2.14 20.64
C LEU D 120 -4.05 -1.93 21.57
N ASP D 121 -4.27 -2.04 22.88
CA ASP D 121 -3.19 -2.03 23.84
C ASP D 121 -2.35 -3.29 23.63
N VAL D 122 -1.12 -3.13 23.12
CA VAL D 122 -0.22 -4.26 22.93
C VAL D 122 1.01 -4.10 23.84
N THR D 123 0.84 -3.52 25.02
CA THR D 123 1.96 -3.26 25.92
C THR D 123 2.59 -4.59 26.36
N LEU D 124 1.76 -5.59 26.68
CA LEU D 124 2.23 -6.89 27.21
C LEU D 124 2.84 -7.73 26.08
N GLU D 125 2.17 -7.84 24.95
CA GLU D 125 2.77 -8.51 23.78
C GLU D 125 4.19 -7.96 23.54
N LEU D 126 4.33 -6.66 23.35
CA LEU D 126 5.64 -6.07 22.96
C LEU D 126 6.65 -6.21 24.11
N SER D 127 6.19 -6.20 25.34
CA SER D 127 7.00 -6.49 26.51
C SER D 127 7.38 -7.99 26.56
N ARG D 128 8.50 -8.35 25.92
CA ARG D 128 8.99 -9.74 25.97
C ARG D 128 10.52 -9.75 25.75
#